data_2RKT
#
_entry.id   2RKT
#
_cell.length_a   114.209
_cell.length_b   114.209
_cell.length_c   80.384
_cell.angle_alpha   90.00
_cell.angle_beta   90.00
_cell.angle_gamma   90.00
#
_symmetry.space_group_name_H-M   'P 4 21 2'
#
loop_
_entity.id
_entity.type
_entity.pdbx_description
1 polymer 'Trichothecene 3-O-acetyltransferase'
2 water water
#
_entity_poly.entity_id   1
_entity_poly.type   'polypeptide(L)'
_entity_poly.pdbx_seq_one_letter_code
;S(MSE)AFKIQLDTLGQLPGLLSIYTQISLLYPVSDSSQYPTIVSTFEQGLKRFSEAVPWVAGQVKAEGISEGNTGTSFI
VPFEDVPRVVVKDLRDDPSAPTIEG(MSE)RKAGYP(MSE)A(MSE)FDENIIAPRKTLPIGPGTGPDDPKPVILLQLNF
IKGGLILTVNGQHGA(MSE)D(MSE)VGQDAVIRLLSKACRNDPFTEEE(MSE)TA(MSE)NLDRKTIVPYLENYTIGPE
VDHQIVKADVAGGDAVLTPVSASWAFFTFSPKA(MSE)SELKDAATKTLDASTKFVSTDDALSAFIWKSASRVRLERIDG
SAPTEFCRAVDARPA(MSE)GVSNNYPGLLQN(MSE)TYHNSTIGEIANESLGATASRLRSELDPAS(MSE)RQRTRGLA
TYLHNNPDKSNVSLTADADPSTSV(MSE)LSSWAKVGLWDYDFGLGLGKPETVRRPIFEPVESL(MSE)YF(MSE)PKKP
DGEFCAALSLRDED(MSE)DRLKADKEWTKYAQYVG
;
_entity_poly.pdbx_strand_id   A
#
# COMPACT_ATOMS: atom_id res chain seq x y z
N SER A 1 -29.94 -2.60 -18.42
CA SER A 1 -28.43 -2.75 -18.66
C SER A 1 -27.58 -3.13 -17.42
N MSE A 2 -26.35 -3.58 -17.70
CA MSE A 2 -25.46 -4.22 -16.72
C MSE A 2 -25.42 -3.51 -15.38
O MSE A 2 -25.28 -2.28 -15.29
CB MSE A 2 -24.05 -4.36 -17.31
CG MSE A 2 -23.12 -5.21 -16.47
SE MSE A 2 -23.63 -7.07 -16.08
CE MSE A 2 -22.43 -7.35 -14.58
N ALA A 3 -25.62 -4.27 -14.33
CA ALA A 3 -25.63 -3.70 -12.99
C ALA A 3 -25.01 -4.72 -12.09
N PHE A 4 -24.58 -4.27 -10.92
CA PHE A 4 -23.87 -5.13 -9.98
C PHE A 4 -23.99 -4.53 -8.58
N LYS A 5 -23.97 -5.40 -7.59
CA LYS A 5 -23.96 -5.03 -6.19
C LYS A 5 -23.09 -6.05 -5.48
N ILE A 6 -21.79 -5.78 -5.49
CA ILE A 6 -20.77 -6.71 -4.96
C ILE A 6 -20.36 -6.24 -3.55
N GLN A 7 -20.84 -6.98 -2.54
CA GLN A 7 -20.38 -6.74 -1.16
C GLN A 7 -18.85 -6.78 -1.02
N LEU A 8 -18.31 -5.78 -0.33
CA LEU A 8 -16.91 -5.81 -0.03
C LEU A 8 -16.53 -7.07 0.79
N ASP A 9 -15.29 -7.50 0.61
CA ASP A 9 -14.64 -8.36 1.55
C ASP A 9 -15.02 -7.91 2.96
N THR A 10 -15.31 -8.87 3.83
CA THR A 10 -15.58 -8.53 5.24
C THR A 10 -14.40 -7.73 5.86
N LEU A 11 -13.18 -8.10 5.51
CA LEU A 11 -11.96 -7.37 5.89
C LEU A 11 -11.94 -5.93 5.40
N GLY A 12 -12.64 -5.68 4.30
CA GLY A 12 -12.78 -4.34 3.78
C GLY A 12 -13.91 -3.53 4.39
N GLN A 13 -14.65 -4.08 5.37
CA GLN A 13 -15.81 -3.39 5.96
C GLN A 13 -15.52 -2.47 7.12
N LEU A 14 -14.24 -2.27 7.42
CA LEU A 14 -13.84 -1.22 8.36
C LEU A 14 -14.24 0.15 7.81
N PRO A 15 -15.13 0.88 8.53
CA PRO A 15 -15.56 2.21 8.01
C PRO A 15 -14.48 3.19 7.46
N GLY A 16 -13.17 2.86 7.52
CA GLY A 16 -12.10 3.47 6.66
C GLY A 16 -12.41 3.86 5.18
N ILE A 20 -9.81 5.80 2.89
CA ILE A 20 -8.49 5.74 2.20
C ILE A 20 -8.49 5.29 0.71
N TYR A 21 -7.69 6.02 -0.07
CA TYR A 21 -7.23 5.59 -1.38
C TYR A 21 -5.76 5.23 -1.29
N THR A 22 -5.41 4.06 -1.78
CA THR A 22 -4.03 3.75 -2.02
C THR A 22 -3.63 4.36 -3.37
N GLN A 23 -2.58 5.18 -3.34
CA GLN A 23 -2.04 5.76 -4.56
C GLN A 23 -0.73 5.09 -4.96
N ILE A 24 -0.49 5.00 -6.26
CA ILE A 24 0.80 4.57 -6.74
C ILE A 24 1.09 5.24 -8.09
N SER A 25 2.35 5.62 -8.34
CA SER A 25 2.69 6.34 -9.54
C SER A 25 3.79 5.67 -10.35
N LEU A 26 3.62 5.71 -11.66
CA LEU A 26 4.57 5.12 -12.60
C LEU A 26 5.02 6.25 -13.50
N LEU A 27 6.33 6.43 -13.55
CA LEU A 27 6.96 7.44 -14.40
C LEU A 27 7.53 6.80 -15.65
N TYR A 28 7.21 7.41 -16.80
CA TYR A 28 7.75 7.01 -18.10
C TYR A 28 8.39 8.18 -18.83
N PRO A 29 9.50 7.93 -19.54
CA PRO A 29 10.05 8.98 -20.39
C PRO A 29 9.20 9.11 -21.66
N VAL A 30 9.11 10.33 -22.20
CA VAL A 30 8.29 10.58 -23.41
C VAL A 30 9.17 11.44 -24.29
N SER A 31 9.62 10.90 -25.40
CA SER A 31 10.58 11.62 -26.23
C SER A 31 10.04 12.90 -26.93
N ASP A 32 8.84 12.88 -27.49
CA ASP A 32 8.29 14.06 -28.19
C ASP A 32 6.87 14.26 -27.74
N SER A 33 6.50 15.49 -27.40
CA SER A 33 5.07 15.83 -27.14
C SER A 33 4.07 15.43 -28.23
N SER A 34 4.52 15.27 -29.48
CA SER A 34 3.66 14.68 -30.49
C SER A 34 3.05 13.35 -30.03
N GLN A 35 3.65 12.70 -29.02
CA GLN A 35 3.16 11.38 -28.59
C GLN A 35 1.93 11.38 -27.70
N TYR A 36 1.69 12.47 -26.97
CA TYR A 36 0.62 12.46 -25.98
C TYR A 36 -0.80 12.11 -26.44
N PRO A 37 -1.26 12.62 -27.61
CA PRO A 37 -2.64 12.20 -28.03
C PRO A 37 -2.84 10.67 -28.16
N THR A 38 -1.88 9.99 -28.76
CA THR A 38 -1.91 8.54 -28.89
C THR A 38 -1.69 7.84 -27.54
N ILE A 39 -0.95 8.47 -26.61
CA ILE A 39 -0.81 7.89 -25.28
C ILE A 39 -2.17 7.82 -24.63
N VAL A 40 -2.85 8.95 -24.62
CA VAL A 40 -4.14 9.06 -24.01
C VAL A 40 -5.17 8.14 -24.67
N SER A 41 -5.22 8.15 -26.02
CA SER A 41 -6.25 7.35 -26.67
C SER A 41 -5.96 5.87 -26.46
N THR A 42 -4.69 5.45 -26.47
CA THR A 42 -4.34 4.05 -26.18
C THR A 42 -4.78 3.64 -24.79
N PHE A 43 -4.54 4.53 -23.85
CA PHE A 43 -4.97 4.32 -22.49
C PHE A 43 -6.50 4.24 -22.36
N GLU A 44 -7.22 5.14 -23.01
CA GLU A 44 -8.70 5.14 -22.92
C GLU A 44 -9.33 3.91 -23.56
N GLN A 45 -8.79 3.49 -24.70
CA GLN A 45 -9.26 2.23 -25.34
C GLN A 45 -9.07 1.03 -24.42
N GLY A 46 -7.95 1.01 -23.70
CA GLY A 46 -7.71 -0.10 -22.81
C GLY A 46 -8.69 -0.08 -21.64
N LEU A 47 -8.94 1.11 -21.12
CA LEU A 47 -9.91 1.25 -20.02
C LEU A 47 -11.32 0.85 -20.43
N LYS A 48 -11.67 1.15 -21.66
CA LYS A 48 -12.99 0.81 -22.21
C LYS A 48 -13.09 -0.71 -22.35
N ARG A 49 -12.11 -1.31 -22.98
CA ARG A 49 -12.01 -2.75 -23.07
C ARG A 49 -12.11 -3.46 -21.69
N PHE A 50 -11.37 -2.96 -20.72
CA PHE A 50 -11.30 -3.58 -19.40
C PHE A 50 -12.69 -3.47 -18.76
N SER A 51 -13.27 -2.27 -18.75
CA SER A 51 -14.64 -2.04 -18.23
C SER A 51 -15.66 -2.91 -18.94
N GLU A 52 -15.49 -3.09 -20.25
CA GLU A 52 -16.41 -3.95 -21.00
C GLU A 52 -16.25 -5.40 -20.54
N ALA A 53 -15.01 -5.82 -20.27
CA ALA A 53 -14.74 -7.17 -19.76
C ALA A 53 -15.23 -7.42 -18.32
N VAL A 54 -14.99 -6.43 -17.44
CA VAL A 54 -15.26 -6.55 -16.00
C VAL A 54 -15.97 -5.25 -15.60
N PRO A 55 -17.29 -5.17 -15.86
CA PRO A 55 -18.02 -3.94 -15.53
C PRO A 55 -17.81 -3.31 -14.15
N TRP A 56 -17.64 -4.12 -13.12
CA TRP A 56 -17.55 -3.52 -11.78
C TRP A 56 -16.33 -2.56 -11.59
N VAL A 57 -15.25 -2.69 -12.40
CA VAL A 57 -14.05 -1.81 -12.18
C VAL A 57 -14.39 -0.33 -12.41
N ALA A 58 -15.48 -0.09 -13.12
CA ALA A 58 -15.97 1.25 -13.36
C ALA A 58 -16.99 1.72 -12.31
N GLY A 59 -17.20 0.93 -11.25
CA GLY A 59 -18.20 1.27 -10.25
C GLY A 59 -17.69 2.17 -9.13
N GLN A 60 -18.47 2.28 -8.08
CA GLN A 60 -18.13 3.10 -6.91
C GLN A 60 -18.45 2.27 -5.69
N VAL A 61 -17.79 2.54 -4.56
CA VAL A 61 -18.11 1.90 -3.26
C VAL A 61 -19.18 2.69 -2.52
N LYS A 62 -20.27 2.04 -2.18
CA LYS A 62 -21.37 2.76 -1.49
C LYS A 62 -21.83 2.03 -0.22
N ALA A 63 -21.79 2.72 0.92
CA ALA A 63 -22.22 2.16 2.21
C ALA A 63 -23.74 2.28 2.34
N GLU A 64 -24.36 1.28 2.94
CA GLU A 64 -25.77 1.36 3.32
C GLU A 64 -25.96 0.60 4.63
N GLY A 65 -27.17 0.61 5.16
CA GLY A 65 -27.48 -0.16 6.37
C GLY A 65 -26.99 0.52 7.64
N ILE A 66 -26.64 1.80 7.53
CA ILE A 66 -26.14 2.56 8.65
C ILE A 66 -27.33 2.96 9.54
N SER A 67 -27.30 2.43 10.77
CA SER A 67 -28.35 2.62 11.74
C SER A 67 -27.72 2.58 13.13
N GLU A 68 -28.60 2.58 14.14
CA GLU A 68 -28.24 2.51 15.54
C GLU A 68 -27.35 1.34 15.83
N GLY A 69 -26.08 1.59 16.14
CA GLY A 69 -25.15 0.50 16.46
C GLY A 69 -24.93 -0.48 15.32
N ASN A 70 -25.12 0.00 14.09
CA ASN A 70 -24.70 -0.74 12.91
C ASN A 70 -23.88 0.22 12.04
N THR A 71 -22.59 -0.06 11.86
CA THR A 71 -21.76 0.89 11.07
C THR A 71 -21.92 0.78 9.54
N GLY A 72 -22.81 -0.09 9.09
CA GLY A 72 -23.12 -0.20 7.65
C GLY A 72 -22.41 -1.32 6.91
N THR A 73 -22.80 -1.52 5.65
CA THR A 73 -22.19 -2.50 4.76
C THR A 73 -22.01 -1.77 3.44
N SER A 74 -20.82 -1.94 2.84
CA SER A 74 -20.46 -1.32 1.59
C SER A 74 -20.47 -2.35 0.49
N PHE A 75 -20.80 -1.85 -0.70
CA PHE A 75 -20.94 -2.66 -1.90
C PHE A 75 -20.33 -1.90 -3.04
N ILE A 76 -19.73 -2.64 -3.98
CA ILE A 76 -19.44 -2.07 -5.30
C ILE A 76 -20.70 -2.03 -6.19
N VAL A 77 -21.07 -0.83 -6.63
CA VAL A 77 -22.34 -0.55 -7.35
C VAL A 77 -22.02 0.37 -8.54
N PRO A 78 -22.93 0.45 -9.54
CA PRO A 78 -22.56 1.21 -10.73
C PRO A 78 -22.32 2.72 -10.49
N PHE A 79 -21.48 3.29 -11.35
CA PHE A 79 -21.13 4.66 -11.22
C PHE A 79 -21.10 5.26 -12.62
N GLU A 80 -20.01 5.06 -13.36
CA GLU A 80 -19.94 5.59 -14.71
C GLU A 80 -19.59 4.47 -15.66
N ASP A 81 -19.58 4.77 -16.97
CA ASP A 81 -19.39 3.74 -18.00
C ASP A 81 -17.98 3.14 -17.94
N VAL A 82 -16.98 4.01 -17.83
CA VAL A 82 -15.59 3.59 -17.70
C VAL A 82 -15.06 4.22 -16.41
N PRO A 83 -13.93 3.70 -15.89
CA PRO A 83 -13.26 4.46 -14.80
C PRO A 83 -12.76 5.79 -15.39
N ARG A 84 -12.82 6.84 -14.59
CA ARG A 84 -12.39 8.19 -14.98
CA ARG A 84 -12.38 8.14 -15.07
C ARG A 84 -10.85 8.29 -15.05
N VAL A 85 -10.30 8.80 -16.17
CA VAL A 85 -8.92 9.27 -16.26
C VAL A 85 -8.97 10.79 -16.32
N VAL A 86 -8.17 11.45 -15.49
CA VAL A 86 -7.95 12.89 -15.59
C VAL A 86 -6.65 13.01 -16.36
N VAL A 87 -6.63 13.88 -17.36
CA VAL A 87 -5.38 14.25 -18.02
C VAL A 87 -4.96 15.63 -17.50
N LYS A 88 -3.80 15.70 -16.87
CA LYS A 88 -3.25 16.94 -16.33
C LYS A 88 -1.99 17.23 -17.08
N ASP A 89 -1.94 18.38 -17.72
CA ASP A 89 -0.72 18.84 -18.40
C ASP A 89 0.10 19.75 -17.51
N LEU A 90 1.21 19.22 -17.02
CA LEU A 90 2.13 19.94 -16.16
C LEU A 90 3.44 20.30 -16.83
N ARG A 91 3.52 20.15 -18.15
CA ARG A 91 4.79 20.48 -18.86
C ARG A 91 5.22 21.94 -18.61
N ASP A 92 4.26 22.83 -18.43
CA ASP A 92 4.58 24.26 -18.30
C ASP A 92 4.25 24.79 -16.90
N ASP A 93 4.04 23.85 -15.98
CA ASP A 93 3.80 24.18 -14.57
C ASP A 93 5.17 24.24 -13.85
N PRO A 94 5.62 25.47 -13.48
CA PRO A 94 6.92 25.65 -12.79
C PRO A 94 7.06 24.97 -11.41
N SER A 95 5.94 24.61 -10.79
CA SER A 95 5.92 23.87 -9.50
C SER A 95 5.82 22.33 -9.65
N ALA A 96 5.82 21.85 -10.91
CA ALA A 96 5.62 20.43 -11.18
C ALA A 96 6.99 19.82 -11.45
N PRO A 97 7.13 18.49 -11.25
CA PRO A 97 8.42 17.90 -11.57
C PRO A 97 8.66 17.83 -13.11
N THR A 98 9.91 17.65 -13.51
CA THR A 98 10.28 17.44 -14.91
C THR A 98 11.07 16.14 -14.90
N ILE A 99 11.33 15.55 -16.05
CA ILE A 99 12.04 14.25 -16.05
C ILE A 99 13.51 14.42 -15.64
N GLU A 100 14.16 15.53 -16.01
CA GLU A 100 15.54 15.74 -15.60
C GLU A 100 15.63 16.06 -14.11
N GLY A 101 14.65 16.79 -13.58
CA GLY A 101 14.61 17.06 -12.14
C GLY A 101 14.47 15.76 -11.35
N MSE A 102 13.59 14.86 -11.81
CA MSE A 102 13.33 13.54 -11.23
C MSE A 102 14.60 12.75 -11.18
O MSE A 102 14.97 12.20 -10.14
CB MSE A 102 12.31 12.74 -12.10
CG MSE A 102 10.83 13.01 -11.88
SE MSE A 102 10.25 12.56 -10.11
CE MSE A 102 8.29 12.79 -10.44
N ARG A 103 15.23 12.67 -12.36
CA ARG A 103 16.49 11.97 -12.55
C ARG A 103 17.59 12.52 -11.59
N LYS A 104 17.74 13.83 -11.49
CA LYS A 104 18.82 14.42 -10.72
C LYS A 104 18.58 14.17 -9.24
N ALA A 105 17.31 14.26 -8.81
CA ALA A 105 16.97 14.08 -7.41
C ALA A 105 16.73 12.61 -6.98
N GLY A 106 16.93 11.65 -7.88
CA GLY A 106 16.63 10.25 -7.58
C GLY A 106 15.17 9.91 -7.28
N TYR A 107 14.22 10.62 -7.90
CA TYR A 107 12.75 10.32 -7.79
C TYR A 107 12.23 10.44 -6.32
N PRO A 108 12.44 11.60 -5.67
CA PRO A 108 11.98 11.67 -4.29
C PRO A 108 10.46 11.69 -4.17
N MSE A 109 9.96 11.28 -3.00
CA MSE A 109 8.57 11.27 -2.72
C MSE A 109 7.98 12.65 -2.84
O MSE A 109 6.90 12.79 -3.36
CB MSE A 109 8.28 10.69 -1.35
CG MSE A 109 6.89 10.04 -1.24
SE MSE A 109 6.65 9.40 0.62
CE MSE A 109 5.11 8.12 0.56
N ALA A 110 8.73 13.68 -2.41
CA ALA A 110 8.27 15.08 -2.48
C ALA A 110 7.93 15.51 -3.92
N MSE A 111 8.57 14.91 -4.93
CA MSE A 111 8.20 15.22 -6.31
C MSE A 111 6.94 14.49 -6.83
O MSE A 111 6.52 14.69 -7.98
CB MSE A 111 9.37 14.99 -7.24
CG MSE A 111 10.46 16.06 -7.13
SE MSE A 111 11.91 15.80 -8.26
CE MSE A 111 13.14 17.33 -7.35
N PHE A 112 6.33 13.66 -5.98
CA PHE A 112 5.08 12.97 -6.33
C PHE A 112 4.02 13.51 -5.39
N ASP A 113 3.77 14.80 -5.49
CA ASP A 113 2.79 15.44 -4.61
C ASP A 113 1.37 15.03 -5.00
N GLU A 114 0.64 14.42 -4.06
CA GLU A 114 -0.69 13.87 -4.34
C GLU A 114 -1.67 14.95 -4.85
N ASN A 115 -1.45 16.20 -4.43
CA ASN A 115 -2.37 17.26 -4.84
C ASN A 115 -2.15 17.63 -6.30
N ILE A 116 -0.98 17.28 -6.85
CA ILE A 116 -0.60 17.65 -8.23
C ILE A 116 -0.72 16.46 -9.20
N ILE A 117 -0.28 15.29 -8.74
CA ILE A 117 -0.21 14.12 -9.63
C ILE A 117 -1.21 12.99 -9.37
N ALA A 118 -2.02 13.12 -8.31
CA ALA A 118 -3.08 12.14 -8.01
C ALA A 118 -4.51 12.66 -8.22
N PRO A 119 -5.45 11.80 -8.68
CA PRO A 119 -6.83 12.28 -8.90
C PRO A 119 -7.67 12.55 -7.65
N ARG A 120 -7.19 12.11 -6.49
CA ARG A 120 -7.89 12.24 -5.23
C ARG A 120 -6.86 11.96 -4.09
N LYS A 121 -7.02 12.64 -2.95
CA LYS A 121 -6.12 12.47 -1.80
C LYS A 121 -6.22 11.05 -1.20
N THR A 122 -5.19 10.64 -0.48
CA THR A 122 -5.17 9.33 0.18
C THR A 122 -6.24 9.32 1.27
N LEU A 123 -6.28 10.42 2.03
CA LEU A 123 -7.09 10.54 3.23
C LEU A 123 -8.33 11.34 2.94
N PRO A 124 -9.40 11.08 3.70
CA PRO A 124 -10.65 11.79 3.50
C PRO A 124 -10.54 13.23 3.98
N ILE A 125 -9.71 14.00 3.29
CA ILE A 125 -9.44 15.36 3.70
C ILE A 125 -9.64 16.33 2.55
N GLY A 126 -10.38 17.39 2.84
CA GLY A 126 -10.62 18.48 1.89
C GLY A 126 -11.84 18.27 1.02
N PRO A 127 -11.96 19.09 -0.04
CA PRO A 127 -13.14 19.05 -0.93
C PRO A 127 -13.28 17.71 -1.65
N GLY A 128 -14.53 17.25 -1.77
CA GLY A 128 -14.85 16.04 -2.50
C GLY A 128 -14.49 14.76 -1.76
N THR A 129 -14.48 14.82 -0.43
CA THR A 129 -14.16 13.66 0.42
C THR A 129 -15.23 13.45 1.50
N GLY A 130 -16.36 14.15 1.34
CA GLY A 130 -17.52 13.96 2.19
C GLY A 130 -18.21 12.63 1.93
N PRO A 131 -19.15 12.26 2.83
CA PRO A 131 -19.95 11.03 2.67
C PRO A 131 -20.89 11.14 1.46
N ASP A 132 -21.26 12.37 1.12
CA ASP A 132 -22.17 12.66 0.03
C ASP A 132 -21.42 12.53 -1.29
N ASP A 133 -20.09 12.40 -1.23
CA ASP A 133 -19.25 12.35 -2.45
C ASP A 133 -19.03 10.91 -2.95
N PRO A 134 -19.03 10.71 -4.29
CA PRO A 134 -18.86 9.33 -4.78
C PRO A 134 -17.48 8.81 -4.37
N LYS A 135 -17.39 7.51 -4.14
CA LYS A 135 -16.11 6.88 -3.89
C LYS A 135 -15.84 5.87 -5.01
N PRO A 136 -15.29 6.32 -6.16
CA PRO A 136 -15.03 5.37 -7.25
C PRO A 136 -14.08 4.25 -6.85
N VAL A 137 -14.33 3.06 -7.38
CA VAL A 137 -13.47 1.94 -7.16
C VAL A 137 -12.00 2.28 -7.51
N ILE A 138 -11.82 2.89 -8.67
CA ILE A 138 -10.52 3.17 -9.17
C ILE A 138 -10.61 4.53 -9.81
N LEU A 139 -9.56 5.35 -9.66
CA LEU A 139 -9.41 6.65 -10.34
C LEU A 139 -8.01 6.70 -10.94
N LEU A 140 -7.85 7.25 -12.15
CA LEU A 140 -6.56 7.31 -12.81
C LEU A 140 -6.23 8.76 -13.19
N GLN A 141 -4.93 9.06 -13.28
CA GLN A 141 -4.48 10.37 -13.75
C GLN A 141 -3.25 10.21 -14.61
N LEU A 142 -3.30 10.81 -15.80
CA LEU A 142 -2.16 10.89 -16.70
C LEU A 142 -1.63 12.33 -16.63
N ASN A 143 -0.42 12.45 -16.08
CA ASN A 143 0.24 13.75 -15.87
C ASN A 143 1.31 13.91 -16.91
N PHE A 144 1.13 14.88 -17.80
CA PHE A 144 2.19 15.17 -18.76
C PHE A 144 3.23 16.02 -18.03
N ILE A 145 4.48 15.59 -18.00
CA ILE A 145 5.50 16.44 -17.39
C ILE A 145 6.50 16.68 -18.49
N LYS A 146 7.38 17.65 -18.28
CA LYS A 146 8.42 17.93 -19.26
C LYS A 146 9.26 16.67 -19.45
N GLY A 147 9.32 16.21 -20.69
CA GLY A 147 9.98 14.96 -21.06
C GLY A 147 9.46 13.64 -20.51
N GLY A 148 8.23 13.61 -20.02
CA GLY A 148 7.76 12.39 -19.36
C GLY A 148 6.26 12.29 -19.15
N LEU A 149 5.87 11.19 -18.52
CA LEU A 149 4.47 10.89 -18.16
C LEU A 149 4.47 10.31 -16.77
N ILE A 150 3.59 10.80 -15.90
CA ILE A 150 3.36 10.08 -14.62
C ILE A 150 1.94 9.57 -14.67
N LEU A 151 1.77 8.25 -14.66
CA LEU A 151 0.48 7.63 -14.43
C LEU A 151 0.29 7.33 -12.94
N THR A 152 -0.82 7.80 -12.40
CA THR A 152 -1.15 7.54 -11.04
C THR A 152 -2.47 6.79 -10.99
N VAL A 153 -2.47 5.70 -10.23
CA VAL A 153 -3.66 4.90 -10.02
C VAL A 153 -4.10 5.01 -8.57
N ASN A 154 -5.34 5.42 -8.35
CA ASN A 154 -5.93 5.42 -6.99
C ASN A 154 -6.84 4.22 -6.91
N GLY A 155 -6.67 3.39 -5.87
CA GLY A 155 -7.63 2.35 -5.55
C GLY A 155 -8.31 2.54 -4.21
N GLN A 156 -9.64 2.38 -4.19
CA GLN A 156 -10.45 2.50 -2.99
C GLN A 156 -10.05 1.38 -2.05
N HIS A 157 -9.59 1.73 -0.87
CA HIS A 157 -8.97 0.72 -0.04
C HIS A 157 -9.90 -0.37 0.51
N GLY A 158 -11.18 -0.07 0.72
CA GLY A 158 -12.13 -1.11 1.07
C GLY A 158 -12.35 -2.18 0.00
N ALA A 159 -12.20 -1.77 -1.26
CA ALA A 159 -12.31 -2.62 -2.44
C ALA A 159 -11.03 -3.40 -2.78
N MSE A 160 -9.86 -2.97 -2.31
CA MSE A 160 -8.63 -3.64 -2.73
C MSE A 160 -7.48 -3.33 -1.79
O MSE A 160 -7.32 -2.18 -1.34
CB MSE A 160 -8.22 -3.27 -4.18
CG MSE A 160 -7.88 -1.76 -4.41
SE MSE A 160 -7.84 -1.38 -6.35
CE MSE A 160 -9.69 -1.17 -6.34
N ASP A 161 -6.68 -4.35 -1.52
CA ASP A 161 -5.37 -4.15 -0.91
C ASP A 161 -4.43 -3.97 -2.09
N MSE A 162 -3.13 -3.84 -1.83
CA MSE A 162 -2.20 -3.49 -2.89
C MSE A 162 -1.98 -4.67 -3.85
O MSE A 162 -1.75 -4.51 -5.01
CB MSE A 162 -0.87 -2.93 -2.37
CG MSE A 162 0.18 -2.73 -3.46
SE MSE A 162 -0.44 -1.55 -4.97
CE MSE A 162 0.17 0.16 -4.42
N VAL A 163 -2.04 -5.87 -3.31
CA VAL A 163 -1.97 -7.09 -4.15
C VAL A 163 -3.16 -7.15 -5.14
N GLY A 164 -4.35 -6.78 -4.68
CA GLY A 164 -5.53 -6.76 -5.54
C GLY A 164 -5.47 -5.60 -6.52
N GLN A 165 -4.98 -4.46 -6.03
CA GLN A 165 -4.77 -3.31 -6.90
C GLN A 165 -3.77 -3.59 -8.02
N ASP A 166 -2.70 -4.28 -7.67
CA ASP A 166 -1.69 -4.70 -8.64
C ASP A 166 -2.36 -5.58 -9.67
N ALA A 167 -3.19 -6.52 -9.20
CA ALA A 167 -3.93 -7.40 -10.11
C ALA A 167 -4.79 -6.60 -11.10
N VAL A 168 -5.54 -5.62 -10.60
CA VAL A 168 -6.35 -4.74 -11.45
C VAL A 168 -5.52 -3.93 -12.47
N ILE A 169 -4.51 -3.23 -11.96
CA ILE A 169 -3.58 -2.49 -12.84
C ILE A 169 -2.97 -3.40 -13.93
N ARG A 170 -2.53 -4.59 -13.52
CA ARG A 170 -2.00 -5.56 -14.44
C ARG A 170 -2.98 -5.90 -15.58
N LEU A 171 -4.24 -6.14 -15.21
CA LEU A 171 -5.24 -6.46 -16.23
C LEU A 171 -5.50 -5.25 -17.14
N LEU A 172 -5.36 -4.05 -16.56
CA LEU A 172 -5.58 -2.84 -17.32
C LEU A 172 -4.50 -2.72 -18.37
N SER A 173 -3.27 -2.96 -17.97
CA SER A 173 -2.11 -2.93 -18.84
C SER A 173 -2.25 -3.92 -20.01
N LYS A 174 -2.47 -5.20 -19.68
CA LYS A 174 -2.92 -6.18 -20.68
C LYS A 174 -4.00 -5.66 -21.68
N ALA A 175 -5.11 -5.15 -21.13
CA ALA A 175 -6.18 -4.48 -21.92
C ALA A 175 -5.67 -3.43 -22.92
N CYS A 176 -4.89 -2.49 -22.42
CA CYS A 176 -4.30 -1.44 -23.25
C CYS A 176 -3.35 -1.97 -24.31
N ARG A 177 -2.64 -3.07 -24.00
CA ARG A 177 -1.59 -3.57 -24.89
C ARG A 177 -2.02 -4.73 -25.79
N ASN A 178 -3.34 -4.95 -25.84
CA ASN A 178 -4.01 -6.00 -26.66
C ASN A 178 -3.57 -7.43 -26.33
N ASP A 179 -3.38 -7.71 -25.04
CA ASP A 179 -3.04 -9.08 -24.62
C ASP A 179 -4.38 -9.76 -24.45
N PRO A 180 -4.41 -11.09 -24.60
CA PRO A 180 -5.66 -11.78 -24.24
C PRO A 180 -5.83 -11.86 -22.72
N PHE A 181 -7.08 -11.92 -22.24
CA PHE A 181 -7.36 -12.28 -20.85
C PHE A 181 -7.48 -13.81 -20.73
N THR A 182 -6.92 -14.38 -19.67
CA THR A 182 -7.16 -15.80 -19.40
C THR A 182 -8.50 -16.00 -18.73
N GLU A 183 -9.02 -17.22 -18.84
CA GLU A 183 -10.23 -17.60 -18.09
C GLU A 183 -9.95 -17.49 -16.58
N GLU A 184 -8.75 -17.85 -16.15
CA GLU A 184 -8.45 -17.80 -14.73
C GLU A 184 -8.55 -16.34 -14.20
N GLU A 185 -8.07 -15.38 -15.00
CA GLU A 185 -8.13 -13.95 -14.63
C GLU A 185 -9.58 -13.47 -14.51
N MSE A 186 -10.44 -13.88 -15.44
CA MSE A 186 -11.85 -13.49 -15.46
C MSE A 186 -12.60 -14.12 -14.28
O MSE A 186 -13.51 -13.52 -13.68
CB MSE A 186 -12.50 -13.92 -16.79
CG MSE A 186 -12.01 -13.14 -18.02
SE MSE A 186 -12.34 -11.17 -17.85
CE MSE A 186 -10.59 -10.71 -17.21
N THR A 187 -12.20 -15.35 -13.95
CA THR A 187 -12.79 -16.03 -12.81
C THR A 187 -12.41 -15.31 -11.51
N ALA A 188 -11.12 -15.10 -11.35
CA ALA A 188 -10.56 -14.43 -10.14
C ALA A 188 -11.20 -13.03 -9.97
N MSE A 189 -11.38 -12.32 -11.09
CA MSE A 189 -11.99 -10.99 -11.12
C MSE A 189 -13.46 -11.04 -10.75
O MSE A 189 -14.06 -10.03 -10.40
CB MSE A 189 -11.86 -10.34 -12.52
CG MSE A 189 -10.48 -9.86 -12.84
SE MSE A 189 -9.92 -8.26 -11.76
CE MSE A 189 -10.82 -7.01 -12.54
N ASN A 190 -14.05 -12.25 -10.79
CA ASN A 190 -15.47 -12.36 -10.45
C ASN A 190 -15.85 -13.23 -9.29
N LEU A 191 -14.84 -13.68 -8.53
CA LEU A 191 -15.08 -14.40 -7.26
C LEU A 191 -15.95 -13.57 -6.34
N ASP A 192 -16.91 -14.23 -5.69
CA ASP A 192 -17.71 -13.56 -4.67
C ASP A 192 -16.79 -13.23 -3.47
N ARG A 193 -16.94 -12.04 -2.92
CA ARG A 193 -16.07 -11.55 -1.84
C ARG A 193 -16.60 -11.89 -0.44
N LYS A 194 -17.91 -11.74 -0.22
CA LYS A 194 -18.46 -11.88 1.13
C LYS A 194 -18.26 -13.27 1.78
N THR A 195 -17.93 -14.26 0.93
CA THR A 195 -17.71 -15.65 1.38
C THR A 195 -16.28 -16.12 1.18
N ILE A 196 -15.40 -15.29 0.68
CA ILE A 196 -14.08 -15.78 0.33
C ILE A 196 -13.23 -16.16 1.55
N VAL A 197 -13.61 -15.65 2.72
CA VAL A 197 -12.96 -16.13 3.95
C VAL A 197 -13.98 -16.95 4.77
N PRO A 198 -13.81 -18.29 4.82
CA PRO A 198 -14.77 -19.11 5.60
C PRO A 198 -14.72 -18.74 7.10
N TYR A 199 -15.87 -18.48 7.67
CA TYR A 199 -16.03 -18.00 9.03
C TYR A 199 -15.90 -19.14 9.99
N LEU A 200 -15.52 -18.82 11.22
CA LEU A 200 -15.38 -19.83 12.26
C LEU A 200 -16.73 -19.95 12.95
N GLU A 201 -17.12 -21.19 13.27
CA GLU A 201 -18.41 -21.47 13.91
C GLU A 201 -18.35 -21.16 15.41
N ASN A 202 -19.34 -20.44 15.92
CA ASN A 202 -19.44 -20.13 17.35
C ASN A 202 -18.22 -19.37 17.90
N TYR A 203 -17.83 -18.31 17.18
CA TYR A 203 -16.68 -17.53 17.58
C TYR A 203 -17.09 -16.41 18.50
N THR A 204 -16.30 -16.21 19.55
CA THR A 204 -16.57 -15.15 20.49
C THR A 204 -15.46 -14.12 20.40
N ILE A 205 -14.27 -14.50 20.84
CA ILE A 205 -13.15 -13.57 20.90
C ILE A 205 -11.95 -14.37 21.37
N GLY A 206 -10.87 -14.32 20.61
CA GLY A 206 -9.75 -15.19 20.91
C GLY A 206 -8.44 -14.53 20.58
N PRO A 207 -7.36 -15.32 20.64
CA PRO A 207 -6.04 -14.75 20.40
C PRO A 207 -5.88 -14.26 18.94
N GLU A 208 -6.81 -14.64 18.05
CA GLU A 208 -6.71 -14.32 16.59
C GLU A 208 -6.86 -12.83 16.33
N VAL A 209 -7.62 -12.15 17.19
CA VAL A 209 -7.78 -10.69 17.13
C VAL A 209 -6.97 -9.91 18.19
N ASP A 210 -5.99 -10.56 18.82
CA ASP A 210 -4.94 -9.80 19.56
C ASP A 210 -4.43 -8.62 18.73
N HIS A 211 -4.31 -7.45 19.35
CA HIS A 211 -3.75 -6.23 18.72
C HIS A 211 -4.66 -5.57 17.66
N GLN A 212 -5.91 -6.00 17.56
CA GLN A 212 -6.77 -5.58 16.46
C GLN A 212 -8.08 -4.95 16.92
N ILE A 213 -8.27 -4.88 18.25
CA ILE A 213 -9.45 -4.23 18.83
C ILE A 213 -9.04 -2.93 19.53
N VAL A 214 -9.68 -1.81 19.17
CA VAL A 214 -9.34 -0.50 19.72
C VAL A 214 -9.96 -0.34 21.12
N LYS A 215 -9.19 0.22 22.04
CA LYS A 215 -9.64 0.50 23.41
C LYS A 215 -9.09 1.88 23.80
N ALA A 216 -9.96 2.76 24.30
CA ALA A 216 -9.60 4.18 24.56
C ALA A 216 -8.38 4.39 25.46
N ASP A 217 -8.22 3.45 26.39
CA ASP A 217 -7.17 3.49 27.38
C ASP A 217 -5.86 2.84 26.89
N VAL A 218 -5.81 2.52 25.59
CA VAL A 218 -4.62 1.96 24.95
C VAL A 218 -4.38 2.75 23.66
N ALA A 219 -3.16 3.28 23.52
CA ALA A 219 -2.78 4.11 22.37
C ALA A 219 -2.70 3.28 21.07
N GLY A 220 -3.24 3.83 19.98
CA GLY A 220 -3.22 3.22 18.64
C GLY A 220 -4.50 3.43 17.82
N GLY A 221 -4.51 2.91 16.58
CA GLY A 221 -5.70 2.99 15.69
C GLY A 221 -5.53 3.77 14.39
N PRO A 227 -0.46 14.68 13.44
CA PRO A 227 -0.56 14.90 14.89
C PRO A 227 0.56 15.77 15.48
N VAL A 228 1.82 15.30 15.40
CA VAL A 228 3.01 16.09 15.82
C VAL A 228 3.91 16.36 14.60
N SER A 229 4.93 17.20 14.74
CA SER A 229 5.74 17.62 13.59
C SER A 229 6.47 16.44 12.95
N ALA A 230 6.17 16.16 11.68
CA ALA A 230 6.71 14.94 11.05
C ALA A 230 6.90 15.07 9.55
N SER A 231 7.53 14.08 8.94
CA SER A 231 7.72 14.12 7.47
C SER A 231 7.71 12.72 6.82
N TRP A 232 7.75 12.69 5.49
CA TRP A 232 7.83 11.46 4.69
C TRP A 232 9.16 11.51 4.00
N ALA A 233 9.76 10.36 3.74
CA ALA A 233 10.87 10.33 2.79
C ALA A 233 11.08 8.94 2.28
N PHE A 234 11.54 8.88 1.03
CA PHE A 234 12.19 7.67 0.50
C PHE A 234 13.66 7.54 0.92
N PHE A 235 14.06 6.30 1.12
CA PHE A 235 15.43 5.92 1.31
C PHE A 235 15.69 4.78 0.35
N THR A 236 16.81 4.86 -0.34
CA THR A 236 17.17 3.85 -1.30
C THR A 236 18.17 2.85 -0.70
N PHE A 237 18.03 1.57 -1.07
CA PHE A 237 19.01 0.55 -0.68
C PHE A 237 19.47 -0.09 -1.95
N SER A 238 20.74 0.11 -2.26
CA SER A 238 21.32 -0.36 -3.52
C SER A 238 21.38 -1.88 -3.54
N PRO A 239 21.52 -2.49 -4.74
CA PRO A 239 21.65 -3.95 -4.69
C PRO A 239 22.84 -4.42 -3.80
N LYS A 240 23.87 -3.58 -3.70
CA LYS A 240 25.03 -3.93 -2.88
C LYS A 240 24.67 -3.87 -1.40
N ALA A 241 24.00 -2.78 -1.00
CA ALA A 241 23.50 -2.58 0.36
C ALA A 241 22.65 -3.76 0.79
N MSE A 242 21.74 -4.23 -0.09
CA MSE A 242 20.80 -5.31 0.22
C MSE A 242 21.52 -6.65 0.42
O MSE A 242 21.22 -7.41 1.33
CB MSE A 242 19.72 -5.44 -0.90
CG MSE A 242 18.70 -4.25 -0.98
SE MSE A 242 17.77 -3.93 0.73
CE MSE A 242 17.17 -5.70 0.97
N SER A 243 22.45 -6.93 -0.49
CA SER A 243 23.27 -8.14 -0.44
C SER A 243 24.06 -8.16 0.88
N GLU A 244 24.57 -7.01 1.29
CA GLU A 244 25.36 -6.95 2.52
C GLU A 244 24.51 -7.04 3.78
N LEU A 245 23.33 -6.44 3.73
CA LEU A 245 22.36 -6.54 4.82
C LEU A 245 21.90 -7.98 5.05
N LYS A 246 21.58 -8.68 3.97
CA LYS A 246 21.31 -10.11 4.07
C LYS A 246 22.51 -10.82 4.70
N ASP A 247 23.74 -10.46 4.31
CA ASP A 247 24.93 -11.10 4.87
C ASP A 247 25.02 -10.85 6.39
N ALA A 248 24.79 -9.60 6.79
CA ALA A 248 24.84 -9.21 8.20
C ALA A 248 23.78 -9.92 9.04
N ALA A 249 22.58 -10.10 8.49
CA ALA A 249 21.51 -10.71 9.25
C ALA A 249 21.77 -12.22 9.37
N THR A 250 22.38 -12.82 8.35
CA THR A 250 22.63 -14.27 8.42
C THR A 250 23.73 -14.61 9.40
N LYS A 251 24.77 -13.78 9.45
CA LYS A 251 25.92 -13.99 10.34
C LYS A 251 25.52 -14.02 11.82
N THR A 252 24.41 -13.39 12.19
CA THR A 252 24.04 -13.27 13.59
C THR A 252 22.70 -13.90 14.02
N LEU A 253 22.17 -14.86 13.24
CA LEU A 253 20.83 -15.38 13.54
C LEU A 253 20.75 -16.23 14.83
N PHE A 259 17.43 -19.37 8.41
CA PHE A 259 17.51 -18.33 7.35
C PHE A 259 16.33 -17.38 7.44
N VAL A 260 16.55 -16.13 7.04
CA VAL A 260 15.49 -15.14 6.96
C VAL A 260 15.41 -14.64 5.52
N SER A 261 14.24 -14.12 5.17
CA SER A 261 14.01 -13.54 3.86
C SER A 261 14.59 -12.13 3.73
N THR A 262 14.76 -11.67 2.48
CA THR A 262 15.20 -10.31 2.23
C THR A 262 14.36 -9.34 3.03
N ASP A 263 13.07 -9.59 2.94
CA ASP A 263 12.13 -8.75 3.65
C ASP A 263 12.15 -8.47 5.20
N ASP A 264 11.94 -9.41 6.14
CA ASP A 264 12.90 -10.01 7.12
C ASP A 264 14.10 -9.16 7.49
N ALA A 265 15.19 -9.28 6.72
CA ALA A 265 16.43 -8.60 7.04
C ALA A 265 16.23 -7.09 7.01
N LEU A 266 15.57 -6.60 5.95
CA LEU A 266 15.39 -5.14 5.81
C LEU A 266 14.45 -4.57 6.88
N SER A 267 13.40 -5.30 7.17
CA SER A 267 12.45 -4.96 8.22
C SER A 267 13.13 -4.87 9.61
N ALA A 268 13.90 -5.91 9.97
CA ALA A 268 14.73 -5.93 11.19
C ALA A 268 15.68 -4.72 11.27
N PHE A 269 16.35 -4.43 10.16
CA PHE A 269 17.26 -3.30 10.06
C PHE A 269 16.55 -1.99 10.37
N ILE A 270 15.38 -1.81 9.79
CA ILE A 270 14.64 -0.60 9.99
C ILE A 270 14.10 -0.47 11.44
N TRP A 271 13.53 -1.55 11.98
CA TRP A 271 13.08 -1.60 13.37
C TRP A 271 14.20 -1.22 14.37
N LYS A 272 15.33 -1.93 14.27
CA LYS A 272 16.57 -1.60 14.98
C LYS A 272 17.01 -0.13 14.85
N SER A 273 17.08 0.41 13.63
CA SER A 273 17.54 1.79 13.45
C SER A 273 16.57 2.79 14.02
N ALA A 274 15.29 2.59 13.77
CA ALA A 274 14.26 3.41 14.37
C ALA A 274 14.33 3.37 15.92
N SER A 275 14.51 2.16 16.46
CA SER A 275 14.59 1.97 17.90
C SER A 275 15.83 2.66 18.48
N ARG A 276 16.97 2.43 17.83
CA ARG A 276 18.23 3.09 18.14
C ARG A 276 18.11 4.58 18.24
N VAL A 277 17.59 5.27 17.20
CA VAL A 277 17.45 6.73 17.28
C VAL A 277 16.46 7.18 18.33
N ARG A 278 15.45 6.35 18.58
CA ARG A 278 14.40 6.68 19.53
C ARG A 278 14.87 6.63 21.00
N LEU A 279 15.93 5.87 21.23
CA LEU A 279 16.61 5.84 22.51
C LEU A 279 16.98 7.22 23.02
N GLU A 280 17.18 8.16 22.10
CA GLU A 280 17.55 9.55 22.40
C GLU A 280 16.43 10.41 23.00
N ARG A 281 15.20 9.91 22.97
CA ARG A 281 14.06 10.69 23.45
C ARG A 281 13.11 9.85 24.31
N ILE A 282 13.34 8.55 24.42
CA ILE A 282 12.51 7.70 25.28
C ILE A 282 13.36 6.61 25.90
N ASP A 283 12.89 6.00 26.99
CA ASP A 283 13.70 5.02 27.69
C ASP A 283 13.70 3.67 26.97
N GLY A 284 14.83 2.95 27.06
CA GLY A 284 14.95 1.60 26.48
C GLY A 284 13.91 0.59 26.92
N SER A 285 13.23 0.86 28.04
CA SER A 285 12.16 -0.01 28.54
C SER A 285 10.81 0.23 27.80
N ALA A 286 10.74 1.31 27.03
CA ALA A 286 9.53 1.62 26.26
C ALA A 286 9.18 0.39 25.37
N PRO A 287 7.93 -0.10 25.47
CA PRO A 287 7.56 -1.20 24.56
C PRO A 287 7.62 -0.74 23.11
N THR A 288 7.96 -1.65 22.22
CA THR A 288 7.87 -1.37 20.77
C THR A 288 7.18 -2.51 19.99
N GLU A 289 6.18 -2.15 19.17
CA GLU A 289 5.50 -3.13 18.32
C GLU A 289 5.79 -2.94 16.83
N PHE A 290 6.28 -4.00 16.18
CA PHE A 290 6.42 -4.04 14.73
C PHE A 290 5.18 -4.71 14.12
N CYS A 291 4.49 -3.97 13.26
CA CYS A 291 3.27 -4.48 12.63
C CYS A 291 3.64 -4.71 11.17
N ARG A 292 3.37 -5.90 10.66
CA ARG A 292 3.84 -6.29 9.33
CA ARG A 292 3.83 -6.28 9.33
C ARG A 292 2.68 -6.80 8.48
N ALA A 293 2.39 -6.11 7.38
CA ALA A 293 1.34 -6.58 6.46
C ALA A 293 1.73 -7.88 5.77
N VAL A 294 0.76 -8.77 5.63
CA VAL A 294 0.95 -10.08 5.00
C VAL A 294 -0.27 -10.34 4.10
N ASP A 295 0.00 -10.56 2.82
CA ASP A 295 -1.03 -11.04 1.89
C ASP A 295 -1.61 -12.37 2.38
N ALA A 296 -2.91 -12.42 2.67
CA ALA A 296 -3.56 -13.61 3.20
C ALA A 296 -4.05 -14.56 2.08
N ARG A 297 -3.90 -14.17 0.82
CA ARG A 297 -4.36 -15.02 -0.29
C ARG A 297 -3.69 -16.39 -0.28
N PRO A 298 -2.34 -16.47 -0.18
CA PRO A 298 -1.75 -17.82 -0.15
C PRO A 298 -2.38 -18.73 0.96
N ALA A 299 -2.43 -18.27 2.20
CA ALA A 299 -3.01 -19.09 3.30
C ALA A 299 -4.49 -19.42 3.09
N MSE A 300 -5.21 -18.56 2.39
CA MSE A 300 -6.60 -18.79 2.11
C MSE A 300 -6.83 -19.68 0.87
O MSE A 300 -7.95 -20.10 0.63
CB MSE A 300 -7.31 -17.44 1.94
CG MSE A 300 -8.73 -17.41 2.45
SE MSE A 300 -8.93 -17.98 4.40
CE MSE A 300 -7.58 -16.93 5.18
N GLY A 301 -5.78 -19.97 0.12
CA GLY A 301 -5.92 -20.69 -1.15
C GLY A 301 -6.64 -19.87 -2.18
N VAL A 302 -6.41 -18.55 -2.17
CA VAL A 302 -7.03 -17.63 -3.13
C VAL A 302 -5.98 -17.25 -4.18
N SER A 303 -6.44 -17.13 -5.43
CA SER A 303 -5.60 -16.66 -6.53
C SER A 303 -4.87 -15.33 -6.27
N ASN A 304 -3.65 -15.24 -6.76
CA ASN A 304 -2.92 -13.97 -6.83
C ASN A 304 -3.66 -12.87 -7.62
N ASN A 305 -4.59 -13.27 -8.51
CA ASN A 305 -5.33 -12.36 -9.33
C ASN A 305 -6.67 -11.91 -8.73
N TYR A 306 -6.99 -12.44 -7.53
CA TYR A 306 -8.12 -11.90 -6.78
C TYR A 306 -7.90 -10.40 -6.45
N PRO A 307 -8.82 -9.52 -6.89
CA PRO A 307 -8.68 -8.06 -6.79
C PRO A 307 -9.15 -7.39 -5.52
N GLY A 308 -9.54 -8.16 -4.51
CA GLY A 308 -10.12 -7.61 -3.31
C GLY A 308 -9.13 -7.26 -2.22
N LEU A 309 -9.63 -7.32 -1.01
CA LEU A 309 -8.83 -7.01 0.19
C LEU A 309 -8.75 -8.30 1.00
N LEU A 310 -7.62 -8.96 0.94
CA LEU A 310 -7.37 -10.21 1.65
C LEU A 310 -5.96 -10.14 2.20
N GLN A 311 -5.88 -9.51 3.37
CA GLN A 311 -4.62 -9.16 3.97
C GLN A 311 -4.73 -9.19 5.50
N ASN A 312 -3.63 -9.46 6.21
CA ASN A 312 -3.63 -9.32 7.67
C ASN A 312 -2.31 -8.69 8.08
N MSE A 313 -2.04 -8.70 9.37
CA MSE A 313 -0.76 -8.26 9.88
C MSE A 313 -0.21 -9.30 10.86
O MSE A 313 -0.98 -10.04 11.49
CB MSE A 313 -0.87 -6.89 10.54
CG MSE A 313 -1.08 -5.73 9.53
SE MSE A 313 -0.72 -3.98 10.22
CE MSE A 313 0.89 -3.61 9.20
N THR A 314 1.09 -9.39 10.96
CA THR A 314 1.66 -10.07 12.12
C THR A 314 2.22 -8.99 13.04
N TYR A 315 2.38 -9.33 14.32
CA TYR A 315 2.67 -8.37 15.40
C TYR A 315 3.83 -8.90 16.19
N HIS A 316 4.82 -8.05 16.42
CA HIS A 316 6.05 -8.49 17.04
C HIS A 316 6.37 -7.48 18.10
N ASN A 317 6.42 -7.93 19.37
CA ASN A 317 6.50 -7.04 20.54
C ASN A 317 7.77 -7.23 21.40
N SER A 318 8.38 -6.09 21.72
CA SER A 318 9.64 -6.07 22.45
C SER A 318 9.78 -4.72 23.12
N THR A 319 11.00 -4.35 23.49
CA THR A 319 11.27 -3.01 23.94
C THR A 319 12.26 -2.32 23.05
N ILE A 320 12.19 -1.01 23.06
CA ILE A 320 13.13 -0.14 22.34
C ILE A 320 14.61 -0.54 22.56
N GLY A 321 15.00 -0.72 23.83
CA GLY A 321 16.40 -1.04 24.18
C GLY A 321 16.87 -2.40 23.70
N GLU A 322 16.00 -3.40 23.85
CA GLU A 322 16.25 -4.76 23.40
C GLU A 322 16.43 -4.83 21.86
N ILE A 323 15.54 -4.18 21.12
CA ILE A 323 15.62 -4.18 19.65
C ILE A 323 16.89 -3.45 19.18
N ALA A 324 17.16 -2.31 19.79
CA ALA A 324 18.29 -1.48 19.38
C ALA A 324 19.62 -2.20 19.58
N ASN A 325 19.73 -2.90 20.71
CA ASN A 325 21.02 -3.42 21.13
C ASN A 325 21.31 -4.88 20.75
N GLU A 326 20.27 -5.67 20.50
CA GLU A 326 20.49 -7.03 19.98
C GLU A 326 21.09 -7.06 18.56
N SER A 327 21.52 -8.25 18.13
CA SER A 327 22.10 -8.39 16.79
C SER A 327 21.06 -8.20 15.69
N LEU A 328 21.53 -7.98 14.47
CA LEU A 328 20.60 -7.85 13.36
C LEU A 328 19.85 -9.18 13.13
N GLY A 329 20.60 -10.29 13.13
CA GLY A 329 20.00 -11.62 13.02
C GLY A 329 19.02 -11.90 14.12
N ALA A 330 19.31 -11.45 15.32
CA ALA A 330 18.37 -11.60 16.43
C ALA A 330 17.02 -10.94 16.10
N THR A 331 17.03 -9.68 15.67
CA THR A 331 15.80 -8.97 15.32
C THR A 331 15.14 -9.61 14.10
N ALA A 332 15.95 -10.04 13.13
CA ALA A 332 15.34 -10.65 11.94
C ALA A 332 14.66 -11.95 12.30
N SER A 333 15.19 -12.69 13.30
CA SER A 333 14.58 -13.97 13.73
C SER A 333 13.18 -13.78 14.34
N ARG A 334 12.98 -12.63 14.98
CA ARG A 334 11.69 -12.29 15.58
C ARG A 334 10.64 -12.17 14.51
N LEU A 335 11.07 -11.67 13.35
CA LEU A 335 10.17 -11.43 12.22
C LEU A 335 9.92 -12.69 11.38
N ARG A 336 10.86 -13.64 11.36
CA ARG A 336 10.54 -14.99 10.86
C ARG A 336 9.13 -15.38 11.29
N SER A 337 8.88 -15.42 12.61
CA SER A 337 7.58 -15.79 13.20
CA ASP A 340 3.11 -20.61 8.62
C ASP A 340 1.77 -20.16 8.07
N PRO A 341 1.33 -20.80 6.96
CA PRO A 341 -0.01 -20.57 6.46
C PRO A 341 -1.09 -20.92 7.48
N ALA A 342 -0.87 -21.96 8.30
CA ALA A 342 -1.93 -22.36 9.27
C ALA A 342 -2.30 -21.22 10.22
N SER A 343 -1.30 -20.53 10.76
CA SER A 343 -1.52 -19.39 11.65
C SER A 343 -2.19 -18.25 10.87
N MSE A 344 -1.67 -17.97 9.69
CA MSE A 344 -2.26 -16.90 8.87
C MSE A 344 -3.74 -17.17 8.56
O MSE A 344 -4.57 -16.30 8.74
CB MSE A 344 -1.45 -16.67 7.59
CG MSE A 344 -0.36 -15.61 7.74
SE MSE A 344 -0.96 -13.73 8.15
CE MSE A 344 -2.49 -13.73 7.78
N ARG A 345 -4.05 -18.40 8.12
CA ARG A 345 -5.43 -18.76 7.83
C ARG A 345 -6.30 -18.65 9.07
N GLN A 346 -5.80 -19.17 10.20
CA GLN A 346 -6.64 -19.19 11.39
C GLN A 346 -6.90 -17.77 11.88
N ARG A 347 -5.85 -16.96 11.88
CA ARG A 347 -5.98 -15.61 12.42
C ARG A 347 -6.94 -14.73 11.60
N THR A 348 -6.80 -14.80 10.26
CA THR A 348 -7.60 -14.00 9.32
C THR A 348 -9.05 -14.46 9.30
N ARG A 349 -9.28 -15.78 9.38
CA ARG A 349 -10.66 -16.28 9.56
C ARG A 349 -11.29 -15.74 10.86
N GLY A 350 -10.53 -15.76 11.97
CA GLY A 350 -11.02 -15.21 13.24
C GLY A 350 -11.31 -13.72 13.16
N LEU A 351 -10.37 -12.97 12.60
CA LEU A 351 -10.62 -11.53 12.32
C LEU A 351 -11.90 -11.26 11.47
N ALA A 352 -12.01 -11.94 10.33
CA ALA A 352 -13.20 -11.83 9.46
C ALA A 352 -14.51 -12.24 10.17
N THR A 353 -14.45 -13.34 10.93
CA THR A 353 -15.61 -13.83 11.69
C THR A 353 -15.96 -12.81 12.78
N TYR A 354 -14.95 -12.25 13.45
CA TYR A 354 -15.20 -11.25 14.47
C TYR A 354 -15.95 -10.05 13.89
N LEU A 355 -15.48 -9.57 12.74
CA LEU A 355 -16.10 -8.45 12.03
C LEU A 355 -17.53 -8.81 11.59
N HIS A 356 -17.66 -9.96 10.95
CA HIS A 356 -18.96 -10.48 10.50
C HIS A 356 -19.99 -10.58 11.64
N ASN A 357 -19.56 -10.98 12.85
CA ASN A 357 -20.47 -11.10 14.01
C ASN A 357 -20.80 -9.77 14.69
N ASN A 358 -20.23 -8.68 14.20
CA ASN A 358 -20.38 -7.37 14.79
C ASN A 358 -20.92 -6.37 13.80
N PRO A 359 -22.14 -5.83 14.05
CA PRO A 359 -22.77 -4.80 13.21
C PRO A 359 -22.07 -3.47 13.34
N ASP A 360 -21.39 -3.27 14.46
CA ASP A 360 -20.55 -2.11 14.63
C ASP A 360 -19.09 -2.56 14.47
N LYS A 361 -18.45 -2.12 13.38
CA LYS A 361 -17.09 -2.53 13.06
C LYS A 361 -16.09 -1.42 13.34
N SER A 362 -16.53 -0.41 14.12
CA SER A 362 -15.75 0.82 14.26
C SER A 362 -14.60 0.69 15.28
N ASN A 363 -14.55 -0.43 15.98
CA ASN A 363 -13.53 -0.66 16.99
C ASN A 363 -12.51 -1.72 16.55
N VAL A 364 -12.43 -1.94 15.24
CA VAL A 364 -11.44 -2.88 14.71
C VAL A 364 -10.44 -2.10 13.86
N SER A 365 -9.16 -2.38 14.08
CA SER A 365 -8.10 -1.78 13.30
C SER A 365 -6.92 -2.71 13.30
N LEU A 366 -6.28 -2.85 12.13
CA LEU A 366 -5.05 -3.65 11.99
C LEU A 366 -3.88 -3.07 12.79
N THR A 367 -4.06 -1.84 13.28
CA THR A 367 -3.04 -1.14 14.05
C THR A 367 -3.64 -0.53 15.33
N ALA A 368 -4.61 -1.27 15.91
CA ALA A 368 -5.38 -0.85 17.09
C ALA A 368 -4.54 -0.44 18.32
N ASP A 369 -3.43 -1.13 18.53
CA ASP A 369 -2.60 -0.89 19.73
C ASP A 369 -1.19 -0.41 19.37
N ALA A 370 -1.02 0.00 18.11
CA ALA A 370 0.31 0.38 17.63
C ALA A 370 0.51 1.86 17.98
N ASP A 371 1.15 2.08 19.12
CA ASP A 371 1.45 3.44 19.57
C ASP A 371 2.39 4.10 18.53
N PRO A 372 1.98 5.25 17.94
CA PRO A 372 2.80 5.86 16.88
C PRO A 372 4.20 6.25 17.32
N SER A 373 4.37 6.58 18.60
CA SER A 373 5.68 7.03 19.06
C SER A 373 6.77 5.96 18.96
N THR A 374 6.38 4.70 19.13
CA THR A 374 7.36 3.63 19.35
C THR A 374 7.18 2.44 18.39
N SER A 375 6.08 2.46 17.64
CA SER A 375 5.77 1.40 16.69
C SER A 375 6.50 1.51 15.36
N VAL A 376 6.47 0.43 14.61
CA VAL A 376 6.70 0.48 13.16
C VAL A 376 5.49 -0.21 12.50
N MSE A 377 4.84 0.49 11.58
CA MSE A 377 3.73 -0.13 10.81
C MSE A 377 4.11 -0.24 9.33
O MSE A 377 3.98 0.73 8.58
CB MSE A 377 2.46 0.69 11.00
CG MSE A 377 2.09 0.88 12.49
SE MSE A 377 0.71 2.18 12.60
CE MSE A 377 1.63 3.72 11.89
N LEU A 378 4.57 -1.44 8.93
CA LEU A 378 5.13 -1.69 7.59
C LEU A 378 4.20 -2.45 6.67
N SER A 379 4.03 -1.94 5.45
CA SER A 379 3.42 -2.74 4.37
C SER A 379 4.38 -2.82 3.20
N SER A 380 4.92 -4.00 2.97
CA SER A 380 5.83 -4.19 1.86
C SER A 380 5.06 -4.50 0.56
N TRP A 381 5.37 -3.74 -0.49
CA TRP A 381 4.80 -3.99 -1.81
C TRP A 381 5.90 -4.53 -2.70
N ALA A 382 6.96 -5.08 -2.09
CA ALA A 382 8.14 -5.49 -2.81
C ALA A 382 7.87 -6.53 -3.91
N LYS A 383 6.91 -7.42 -3.69
CA LYS A 383 6.55 -8.49 -4.66
C LYS A 383 5.56 -8.11 -5.78
N VAL A 384 4.97 -6.91 -5.75
CA VAL A 384 3.98 -6.62 -6.79
C VAL A 384 4.68 -6.40 -8.15
N GLY A 385 3.88 -6.47 -9.20
CA GLY A 385 4.45 -6.64 -10.54
C GLY A 385 4.51 -5.38 -11.36
N LEU A 386 4.31 -4.22 -10.72
CA LEU A 386 4.21 -2.90 -11.40
C LEU A 386 5.35 -2.49 -12.38
N TRP A 387 6.59 -2.96 -12.11
CA TRP A 387 7.70 -2.64 -12.98
C TRP A 387 7.59 -3.22 -14.39
N ASP A 388 6.67 -4.17 -14.59
CA ASP A 388 6.49 -4.73 -15.93
C ASP A 388 5.41 -4.06 -16.82
N TYR A 389 4.67 -3.09 -16.27
CA TYR A 389 3.51 -2.59 -17.02
C TYR A 389 3.82 -1.43 -17.92
N ASP A 390 3.64 -1.64 -19.23
CA ASP A 390 3.85 -0.58 -20.23
C ASP A 390 2.52 0.01 -20.76
N PHE A 391 1.39 -0.68 -20.52
CA PHE A 391 0.06 -0.22 -20.96
C PHE A 391 -0.02 0.00 -22.48
N GLY A 392 0.81 -0.72 -23.23
CA GLY A 392 0.83 -0.58 -24.71
C GLY A 392 1.14 0.84 -25.18
N LEU A 393 1.77 1.66 -24.31
CA LEU A 393 2.03 3.11 -24.63
C LEU A 393 3.20 3.43 -25.53
N GLY A 394 4.05 2.44 -25.76
CA GLY A 394 5.26 2.60 -26.61
C GLY A 394 6.37 3.37 -25.92
N LEU A 395 6.29 3.49 -24.59
CA LEU A 395 7.23 4.28 -23.80
C LEU A 395 8.26 3.43 -23.08
N GLY A 396 8.10 2.11 -23.14
CA GLY A 396 8.91 1.22 -22.31
C GLY A 396 8.29 0.96 -20.96
N LYS A 397 9.11 0.44 -20.05
CA LYS A 397 8.64 0.06 -18.70
C LYS A 397 8.83 1.28 -17.81
N PRO A 398 8.19 1.31 -16.64
CA PRO A 398 8.31 2.46 -15.74
C PRO A 398 9.80 2.73 -15.44
N GLU A 399 10.21 3.98 -15.47
CA GLU A 399 11.58 4.30 -15.09
C GLU A 399 11.70 4.35 -13.56
N THR A 400 10.57 4.56 -12.91
CA THR A 400 10.43 4.39 -11.45
C THR A 400 8.99 4.14 -11.13
N VAL A 401 8.81 3.54 -9.95
CA VAL A 401 7.53 3.24 -9.37
C VAL A 401 7.56 3.78 -7.94
N ARG A 402 6.77 4.81 -7.67
CA ARG A 402 6.81 5.48 -6.37
C ARG A 402 5.45 5.75 -5.81
N ARG A 403 5.30 5.70 -4.47
CA ARG A 403 4.04 6.12 -3.85
C ARG A 403 3.98 7.64 -3.68
N PRO A 404 2.87 8.29 -4.09
CA PRO A 404 2.81 9.74 -3.83
C PRO A 404 2.94 10.16 -2.35
N ILE A 405 3.53 11.32 -2.09
CA ILE A 405 3.59 11.84 -0.70
C ILE A 405 2.19 12.30 -0.30
N PHE A 406 1.85 12.16 0.99
CA PHE A 406 0.63 12.73 1.52
C PHE A 406 0.92 13.23 2.96
N GLU A 407 -0.10 13.42 3.80
CA GLU A 407 0.17 13.78 5.19
C GLU A 407 1.07 12.75 5.89
N PRO A 408 1.99 13.24 6.76
CA PRO A 408 2.79 12.28 7.51
C PRO A 408 1.94 11.47 8.47
N VAL A 409 2.26 10.18 8.58
CA VAL A 409 1.51 9.27 9.43
C VAL A 409 2.60 8.60 10.24
N GLU A 410 2.78 9.02 11.50
CA GLU A 410 4.01 8.65 12.19
C GLU A 410 4.14 7.14 12.31
N SER A 411 5.32 6.64 11.90
CA SER A 411 5.71 5.21 11.97
C SER A 411 5.12 4.36 10.84
N LEU A 412 4.41 5.02 9.92
CA LEU A 412 3.94 4.29 8.74
C LEU A 412 5.05 4.10 7.74
N MSE A 413 5.15 2.89 7.18
CA MSE A 413 6.23 2.59 6.25
CA MSE A 413 6.23 2.57 6.24
C MSE A 413 5.80 1.62 5.13
O MSE A 413 4.96 0.75 5.34
CB MSE A 413 7.45 2.06 7.02
CB MSE A 413 7.42 1.95 6.98
CG MSE A 413 7.94 3.00 8.15
CG MSE A 413 8.61 1.62 6.07
SE MSE A 413 9.42 2.31 9.18
SE MSE A 413 10.15 0.99 7.07
CE MSE A 413 9.49 3.69 10.55
CE MSE A 413 9.75 1.77 8.78
N TYR A 414 6.38 1.81 3.95
CA TYR A 414 6.15 0.95 2.79
C TYR A 414 7.47 0.59 2.13
N PHE A 415 7.54 -0.63 1.61
CA PHE A 415 8.58 -0.96 0.66
C PHE A 415 7.93 -0.89 -0.72
N MSE A 416 8.55 -0.15 -1.62
CA MSE A 416 8.19 -0.14 -3.04
C MSE A 416 8.38 -1.53 -3.71
O MSE A 416 9.20 -2.35 -3.24
CB MSE A 416 9.06 0.89 -3.77
CG MSE A 416 8.80 2.35 -3.31
SE MSE A 416 6.91 2.91 -3.36
CE MSE A 416 6.40 2.64 -1.52
N PRO A 417 7.65 -1.79 -4.84
CA PRO A 417 8.05 -2.97 -5.64
C PRO A 417 9.56 -2.90 -5.92
N LYS A 418 10.23 -4.03 -5.74
CA LYS A 418 11.64 -4.13 -5.94
C LYS A 418 11.95 -3.76 -7.39
N LYS A 419 12.97 -2.93 -7.59
CA LYS A 419 13.39 -2.59 -8.92
C LYS A 419 14.06 -3.84 -9.45
N PRO A 420 13.93 -4.07 -10.76
CA PRO A 420 14.51 -5.28 -11.32
C PRO A 420 16.03 -5.39 -11.22
N ASP A 421 16.76 -4.31 -11.03
CA ASP A 421 18.20 -4.45 -10.71
C ASP A 421 18.50 -4.84 -9.21
N GLY A 422 17.45 -4.92 -8.38
CA GLY A 422 17.58 -5.31 -6.96
C GLY A 422 17.55 -4.16 -5.97
N GLU A 423 17.44 -2.93 -6.48
CA GLU A 423 17.31 -1.75 -5.58
C GLU A 423 15.97 -1.77 -4.85
N PHE A 424 16.00 -1.55 -3.53
CA PHE A 424 14.78 -1.43 -2.76
C PHE A 424 14.61 0.04 -2.39
N CYS A 425 13.38 0.40 -2.09
CA CYS A 425 13.06 1.72 -1.64
C CYS A 425 12.05 1.65 -0.52
N ALA A 426 12.40 2.25 0.61
CA ALA A 426 11.54 2.29 1.77
C ALA A 426 11.03 3.71 1.87
N ALA A 427 9.71 3.81 1.98
CA ALA A 427 9.03 5.05 2.30
C ALA A 427 8.77 5.04 3.81
N LEU A 428 9.37 6.00 4.54
CA LEU A 428 9.31 6.05 6.02
C LEU A 428 8.70 7.38 6.44
N SER A 429 7.76 7.35 7.38
CA SER A 429 7.28 8.58 7.97
C SER A 429 7.55 8.54 9.50
N LEU A 430 8.18 9.61 9.99
CA LEU A 430 8.71 9.67 11.35
C LEU A 430 8.51 11.08 11.86
N ARG A 431 8.34 11.24 13.17
CA ARG A 431 8.46 12.59 13.76
C ARG A 431 9.84 13.18 13.44
N ASP A 432 9.94 14.51 13.30
CA ASP A 432 11.18 15.21 12.89
C ASP A 432 12.40 14.85 13.69
N GLU A 433 12.25 14.81 15.03
CA GLU A 433 13.31 14.38 15.94
C GLU A 433 13.94 13.09 15.46
N ASP A 434 13.09 12.10 15.21
CA ASP A 434 13.51 10.76 14.79
C ASP A 434 14.10 10.77 13.39
N MSE A 435 13.41 11.46 12.47
CA MSE A 435 13.84 11.56 11.08
C MSE A 435 15.19 12.22 10.99
O MSE A 435 16.07 11.74 10.29
CB MSE A 435 12.81 12.36 10.26
CG MSE A 435 13.15 12.47 8.77
SE MSE A 435 13.00 10.71 7.83
CE MSE A 435 11.05 10.67 7.71
N ASP A 436 15.35 13.33 11.71
CA ASP A 436 16.62 14.07 11.67
C ASP A 436 17.76 13.19 12.19
N ARG A 437 17.56 12.53 13.32
CA ARG A 437 18.60 11.66 13.86
C ARG A 437 18.91 10.44 12.98
N LEU A 438 17.89 9.86 12.36
CA LEU A 438 18.08 8.72 11.46
C LEU A 438 18.98 9.12 10.31
N LYS A 439 18.69 10.27 9.71
CA LYS A 439 19.42 10.70 8.53
C LYS A 439 20.90 10.91 8.83
N ALA A 440 21.20 11.21 10.11
CA ALA A 440 22.57 11.49 10.57
C ALA A 440 23.23 10.26 11.19
N ASP A 441 22.46 9.19 11.36
CA ASP A 441 22.97 7.98 11.97
C ASP A 441 23.92 7.17 11.08
N LYS A 442 25.11 6.87 11.59
CA LYS A 442 26.17 6.17 10.87
C LYS A 442 25.77 4.76 10.43
N GLU A 443 25.12 4.03 11.32
CA GLU A 443 24.72 2.66 11.04
C GLU A 443 23.57 2.65 9.98
N TRP A 444 22.64 3.60 10.10
CA TRP A 444 21.58 3.78 9.09
C TRP A 444 22.17 4.07 7.72
N THR A 445 22.96 5.14 7.62
CA THR A 445 23.48 5.61 6.34
C THR A 445 24.52 4.70 5.70
N LYS A 446 25.03 3.72 6.46
CA LYS A 446 25.84 2.67 5.88
C LYS A 446 25.09 1.96 4.72
N TYR A 447 23.78 1.80 4.90
CA TYR A 447 22.97 1.09 3.92
C TYR A 447 21.93 1.94 3.20
N ALA A 448 21.43 2.99 3.86
CA ALA A 448 20.24 3.71 3.40
C ALA A 448 20.65 5.05 2.89
N GLN A 449 20.29 5.35 1.64
CA GLN A 449 20.61 6.63 1.06
C GLN A 449 19.34 7.47 1.15
N TYR A 450 19.43 8.63 1.83
CA TYR A 450 18.28 9.53 1.91
C TYR A 450 17.95 10.02 0.50
N VAL A 451 16.68 10.06 0.16
CA VAL A 451 16.27 10.57 -1.13
C VAL A 451 15.30 11.73 -0.90
N GLY A 452 14.35 11.54 0.02
CA GLY A 452 13.37 12.56 0.38
C GLY A 452 12.11 12.29 -0.40
#